data_3BK5
#
_entry.id   3BK5
#
_cell.length_a   48.157
_cell.length_b   128.874
_cell.length_c   41.968
_cell.angle_alpha   90.00
_cell.angle_beta   90.00
_cell.angle_gamma   90.00
#
_symmetry.space_group_name_H-M   'P 21 21 2'
#
loop_
_entity.id
_entity.type
_entity.pdbx_description
1 polymer 'putative outer membrane lipoprotein-sorting protein'
2 non-polymer 'MAGNESIUM ION'
3 water water
#
_entity_poly.entity_id   1
_entity_poly.type   'polypeptide(L)'
_entity_poly.pdbx_seq_one_letter_code
;SNAEKGLEIAQERKARDEGWGDSIAT(MSE)E(MSE)ILKNAQGESSTRL(MSE)RLKSLEVEGDGDKGLTIFDQPRDVT
GTAFLNHSHTIGADDQWLYLPALKRVKRISSRNKSGPF(MSE)GSEFAYEDLSSFEIEKYRFNHLKDEKFNGQDVFVLEQ
IPTDKNSGYTKQVVWLDKAHYRPLKVEFYDRKGALLKTLTFANYKQYLDKYWRAHT(MSE)A(MSE)TNHQTGKSTELNT
SDLRFQTGLEENDFNKNVLKR
;
_entity_poly.pdbx_strand_id   A
#
loop_
_chem_comp.id
_chem_comp.type
_chem_comp.name
_chem_comp.formula
MG non-polymer 'MAGNESIUM ION' 'Mg 2'
#
# COMPACT_ATOMS: atom_id res chain seq x y z
N ASN A 2 22.09 -7.23 11.11
CA ASN A 2 22.94 -6.32 10.26
C ASN A 2 22.06 -5.37 9.42
N ALA A 3 22.52 -4.12 9.31
CA ALA A 3 21.94 -3.16 8.38
C ALA A 3 22.16 -3.58 6.91
N GLU A 4 23.27 -4.25 6.63
N GLU A 4 23.32 -4.20 6.66
CA GLU A 4 23.58 -4.65 5.27
CA GLU A 4 23.71 -4.75 5.37
C GLU A 4 22.87 -5.94 4.82
C GLU A 4 22.71 -5.79 4.92
N LYS A 5 22.51 -6.81 5.75
CA LYS A 5 21.62 -7.96 5.41
C LYS A 5 20.19 -7.48 5.17
N GLY A 6 19.70 -6.62 6.06
CA GLY A 6 18.42 -5.91 5.85
C GLY A 6 18.29 -5.28 4.47
N LEU A 7 19.32 -4.55 4.04
CA LEU A 7 19.28 -3.92 2.72
C LEU A 7 19.32 -4.94 1.57
N GLU A 8 20.15 -5.99 1.72
CA GLU A 8 20.29 -7.04 0.71
C GLU A 8 18.93 -7.78 0.52
N ILE A 9 18.31 -8.19 1.63
CA ILE A 9 16.98 -8.83 1.57
C ILE A 9 15.97 -7.96 0.86
N ALA A 10 15.97 -6.68 1.21
CA ALA A 10 15.05 -5.74 0.68
C ALA A 10 15.25 -5.48 -0.81
N GLN A 11 16.50 -5.34 -1.22
CA GLN A 11 16.78 -5.20 -2.64
C GLN A 11 16.28 -6.42 -3.40
N GLU A 12 16.42 -7.60 -2.82
CA GLU A 12 15.88 -8.77 -3.50
C GLU A 12 14.33 -8.80 -3.56
N ARG A 13 13.69 -8.44 -2.46
CA ARG A 13 12.23 -8.30 -2.42
C ARG A 13 11.77 -7.37 -3.54
N LYS A 14 12.51 -6.30 -3.74
CA LYS A 14 12.12 -5.28 -4.70
C LYS A 14 12.38 -5.81 -6.11
N ALA A 15 13.54 -6.43 -6.32
CA ALA A 15 13.95 -6.98 -7.62
C ALA A 15 13.02 -8.10 -8.10
N ARG A 16 12.51 -8.90 -7.19
CA ARG A 16 11.54 -9.94 -7.51
C ARG A 16 10.15 -9.43 -7.90
N ASP A 17 9.87 -8.14 -7.73
CA ASP A 17 8.57 -7.58 -8.13
C ASP A 17 8.70 -6.55 -9.27
N GLU A 18 9.70 -6.72 -10.11
CA GLU A 18 10.01 -5.79 -11.16
C GLU A 18 9.54 -6.32 -12.49
N GLY A 19 8.94 -5.45 -13.28
CA GLY A 19 8.69 -5.78 -14.69
C GLY A 19 7.24 -6.05 -15.06
N TRP A 20 6.36 -6.00 -14.07
CA TRP A 20 4.93 -6.26 -14.30
C TRP A 20 4.21 -5.25 -15.20
N GLY A 21 4.74 -4.02 -15.28
CA GLY A 21 4.24 -3.04 -16.25
C GLY A 21 3.00 -2.28 -15.76
N ASP A 22 1.83 -2.94 -15.75
CA ASP A 22 0.61 -2.29 -15.25
C ASP A 22 -0.36 -3.37 -14.81
N SER A 23 -1.39 -2.97 -14.07
CA SER A 23 -2.44 -3.89 -13.64
C SER A 23 -3.72 -3.12 -13.32
N ILE A 24 -4.85 -3.81 -13.44
CA ILE A 24 -6.15 -3.26 -13.02
C ILE A 24 -6.81 -4.28 -12.12
N ALA A 25 -7.03 -3.86 -10.88
CA ALA A 25 -7.65 -4.69 -9.86
C ALA A 25 -9.08 -4.25 -9.59
N THR A 26 -9.98 -5.24 -9.52
CA THR A 26 -11.35 -5.02 -9.02
C THR A 26 -11.35 -5.39 -7.54
N MSE A 27 -11.85 -4.48 -6.70
CA MSE A 27 -11.64 -4.58 -5.27
C MSE A 27 -12.86 -4.28 -4.40
O MSE A 27 -13.88 -3.71 -4.84
CB MSE A 27 -10.47 -3.67 -4.87
CG MSE A 27 -9.18 -4.05 -5.51
SE MSE A 27 -7.75 -2.95 -4.87
CE MSE A 27 -7.53 -3.74 -3.12
N GLU A 28 -12.74 -4.66 -3.15
CA GLU A 28 -13.73 -4.41 -2.11
C GLU A 28 -12.94 -3.85 -0.95
N MSE A 29 -13.45 -2.78 -0.35
CA MSE A 29 -12.90 -2.30 0.92
C MSE A 29 -13.96 -2.49 2.01
O MSE A 29 -15.09 -2.06 1.86
CB MSE A 29 -12.48 -0.84 0.83
CG MSE A 29 -12.25 -0.23 2.19
SE MSE A 29 -11.78 1.65 2.07
CE MSE A 29 -10.15 1.60 1.11
N ILE A 30 -13.59 -3.18 3.08
CA ILE A 30 -14.52 -3.42 4.19
C ILE A 30 -14.05 -2.75 5.46
N LEU A 31 -14.90 -1.85 5.97
CA LEU A 31 -14.53 -1.04 7.11
C LEU A 31 -15.32 -1.60 8.29
N LYS A 32 -14.61 -2.04 9.28
CA LYS A 32 -15.22 -2.45 10.50
C LYS A 32 -14.79 -1.41 11.53
N ASN A 33 -15.58 -0.34 11.54
CA ASN A 33 -15.24 0.94 12.17
C ASN A 33 -16.30 1.47 13.12
N ALA A 34 -17.17 0.57 13.47
CA ALA A 34 -18.07 0.79 14.57
C ALA A 34 -18.44 -0.50 15.25
N GLN A 35 -19.68 -0.79 16.08
CA GLN A 35 -20.47 -1.96 16.41
C GLN A 35 -21.84 -1.92 15.75
N GLU A 37 -21.54 -1.84 12.90
CA GLU A 37 -20.67 -3.01 12.64
C GLU A 37 -19.74 -2.92 11.39
N SER A 38 -20.34 -2.92 10.19
CA SER A 38 -19.56 -3.13 8.96
C SER A 38 -20.14 -2.34 7.79
N SER A 39 -19.23 -1.84 6.91
CA SER A 39 -19.62 -1.19 5.67
C SER A 39 -18.63 -1.50 4.55
N THR A 40 -19.18 -1.66 3.35
CA THR A 40 -18.48 -2.20 2.23
C THR A 40 -18.46 -1.20 1.08
N ARG A 41 -17.29 -1.02 0.48
CA ARG A 41 -17.14 -0.19 -0.71
C ARG A 41 -16.56 -1.01 -1.83
N LEU A 42 -16.91 -0.66 -3.07
CA LEU A 42 -16.38 -1.26 -4.28
C LEU A 42 -15.52 -0.22 -5.02
N MSE A 43 -14.34 -0.64 -5.46
CA MSE A 43 -13.42 0.29 -6.17
C MSE A 43 -12.56 -0.45 -7.17
O MSE A 43 -12.48 -1.69 -7.17
CB MSE A 43 -12.55 1.11 -5.19
CG MSE A 43 -11.47 0.34 -4.46
SE MSE A 43 -12.18 -0.68 -2.97
CE MSE A 43 -10.45 -1.17 -2.23
N ARG A 44 -11.98 0.31 -8.08
CA ARG A 44 -11.01 -0.27 -9.00
C ARG A 44 -9.71 0.40 -8.73
N LEU A 45 -8.63 -0.37 -8.85
CA LEU A 45 -7.28 0.19 -8.64
C LEU A 45 -6.50 -0.06 -9.90
N LYS A 46 -6.08 1.01 -10.56
CA LYS A 46 -5.19 0.90 -11.73
C LYS A 46 -3.79 1.26 -11.25
N SER A 47 -2.80 0.45 -11.61
CA SER A 47 -1.43 0.59 -11.20
C SER A 47 -0.52 0.56 -12.41
N LEU A 48 0.55 1.35 -12.36
CA LEU A 48 1.48 1.48 -13.47
C LEU A 48 2.89 1.53 -12.91
N GLU A 49 3.77 0.70 -13.46
CA GLU A 49 5.16 0.71 -13.07
C GLU A 49 5.87 1.81 -13.87
N VAL A 50 6.74 2.57 -13.19
CA VAL A 50 7.39 3.73 -13.83
C VAL A 50 8.92 3.56 -13.86
N GLU A 51 9.52 3.68 -15.06
CA GLU A 51 10.99 3.61 -15.19
C GLU A 51 11.64 4.64 -14.30
N GLY A 52 12.42 4.15 -13.33
CA GLY A 52 13.22 5.05 -12.47
C GLY A 52 12.40 5.86 -11.48
N ASP A 53 11.18 5.42 -11.20
CA ASP A 53 10.41 6.02 -10.13
C ASP A 53 9.53 5.02 -9.39
N GLY A 54 8.80 5.52 -8.37
CA GLY A 54 7.77 4.73 -7.71
C GLY A 54 6.61 4.50 -8.65
N ASP A 55 5.67 3.69 -8.19
CA ASP A 55 4.45 3.40 -8.96
C ASP A 55 3.45 4.55 -8.97
N LYS A 56 2.63 4.57 -10.02
CA LYS A 56 1.44 5.42 -10.02
C LYS A 56 0.25 4.52 -9.78
N GLY A 57 -0.74 5.04 -9.08
CA GLY A 57 -1.95 4.27 -8.78
C GLY A 57 -3.14 5.19 -8.88
N LEU A 58 -4.20 4.71 -9.50
CA LEU A 58 -5.45 5.47 -9.54
C LEU A 58 -6.57 4.56 -9.04
N THR A 59 -7.14 4.95 -7.89
CA THR A 59 -8.24 4.23 -7.28
C THR A 59 -9.51 5.04 -7.60
N ILE A 60 -10.56 4.35 -8.06
CA ILE A 60 -11.84 5.01 -8.30
C ILE A 60 -12.91 4.19 -7.61
N PHE A 61 -13.71 4.83 -6.75
CA PHE A 61 -14.78 4.15 -6.03
C PHE A 61 -16.08 4.11 -6.85
N ASP A 62 -16.75 2.96 -6.81
CA ASP A 62 -17.92 2.77 -7.65
C ASP A 62 -19.18 2.67 -6.82
N GLN A 63 -19.03 2.13 -5.61
CA GLN A 63 -20.19 1.78 -4.79
C GLN A 63 -19.81 1.88 -3.31
N PRO A 64 -20.78 2.20 -2.43
CA PRO A 64 -22.16 2.61 -2.69
C PRO A 64 -22.22 4.10 -3.05
N ARG A 65 -23.44 4.63 -3.07
CA ARG A 65 -23.71 5.95 -3.61
C ARG A 65 -22.92 7.07 -2.94
N ASP A 66 -22.63 6.94 -1.65
CA ASP A 66 -21.94 8.02 -0.93
C ASP A 66 -20.45 8.22 -1.30
N VAL A 67 -19.88 7.30 -2.09
CA VAL A 67 -18.49 7.34 -2.52
C VAL A 67 -18.35 7.24 -4.04
N THR A 68 -19.44 6.94 -4.75
CA THR A 68 -19.35 6.70 -6.20
C THR A 68 -18.64 7.87 -6.87
N GLY A 69 -17.66 7.61 -7.73
CA GLY A 69 -16.94 8.73 -8.37
C GLY A 69 -15.75 9.32 -7.61
N THR A 70 -15.66 9.08 -6.31
CA THR A 70 -14.52 9.56 -5.53
C THR A 70 -13.26 8.87 -6.06
N ALA A 71 -12.17 9.61 -6.21
CA ALA A 71 -11.00 9.01 -6.82
C ALA A 71 -9.74 9.49 -6.14
N PHE A 72 -8.76 8.60 -6.09
CA PHE A 72 -7.51 8.88 -5.45
C PHE A 72 -6.36 8.57 -6.37
N LEU A 73 -5.50 9.56 -6.59
CA LEU A 73 -4.37 9.41 -7.49
C LEU A 73 -3.04 9.60 -6.75
N ASN A 74 -2.12 8.67 -6.96
CA ASN A 74 -0.85 8.65 -6.26
C ASN A 74 0.25 8.50 -7.29
N HIS A 75 1.24 9.41 -7.24
CA HIS A 75 2.47 9.17 -7.96
C HIS A 75 3.57 9.03 -6.90
N SER A 76 4.03 7.81 -6.67
CA SER A 76 5.10 7.60 -5.68
C SER A 76 6.43 8.08 -6.23
N HIS A 77 7.19 8.76 -5.38
CA HIS A 77 8.57 9.12 -5.72
C HIS A 77 9.53 8.39 -4.79
N THR A 78 10.70 8.01 -5.29
CA THR A 78 11.69 7.31 -4.47
C THR A 78 12.34 8.30 -3.53
N ILE A 79 12.65 9.48 -4.07
CA ILE A 79 13.22 10.58 -3.27
C ILE A 79 12.28 11.83 -3.16
N GLY A 80 12.08 12.29 -1.93
CA GLY A 80 11.10 13.35 -1.68
C GLY A 80 9.64 12.87 -1.61
N ALA A 81 8.74 13.83 -1.56
CA ALA A 81 7.33 13.62 -1.34
C ALA A 81 6.59 12.95 -2.53
N ASP A 82 5.71 11.99 -2.23
CA ASP A 82 4.81 11.49 -3.28
C ASP A 82 3.91 12.63 -3.70
N ASP A 83 3.42 12.58 -4.94
CA ASP A 83 2.32 13.46 -5.33
C ASP A 83 1.03 12.70 -5.11
N GLN A 84 0.12 13.29 -4.34
CA GLN A 84 -1.15 12.65 -4.06
C GLN A 84 -2.31 13.64 -4.18
N TRP A 85 -3.40 13.17 -4.79
CA TRP A 85 -4.59 14.00 -5.00
C TRP A 85 -5.83 13.19 -4.71
N LEU A 86 -6.85 13.81 -4.12
CA LEU A 86 -8.16 13.20 -3.95
C LEU A 86 -9.18 14.02 -4.73
N TYR A 87 -9.96 13.30 -5.54
CA TYR A 87 -11.07 13.87 -6.28
C TYR A 87 -12.40 13.56 -5.61
N LEU A 88 -13.18 14.61 -5.35
CA LEU A 88 -14.50 14.49 -4.75
C LEU A 88 -15.51 15.02 -5.76
N PRO A 89 -16.38 14.13 -6.26
CA PRO A 89 -17.20 14.54 -7.41
C PRO A 89 -18.34 15.51 -7.11
N ALA A 90 -18.69 15.68 -5.83
CA ALA A 90 -19.82 16.49 -5.47
C ALA A 90 -19.64 17.87 -6.03
N LEU A 91 -18.45 18.41 -5.79
CA LEU A 91 -18.13 19.75 -6.26
C LEU A 91 -17.11 19.73 -7.40
N LYS A 92 -16.82 18.52 -7.86
CA LYS A 92 -15.82 18.26 -8.88
C LYS A 92 -14.47 18.96 -8.59
N ARG A 93 -13.99 18.85 -7.35
CA ARG A 93 -12.78 19.52 -6.92
C ARG A 93 -11.71 18.48 -6.66
N VAL A 94 -10.54 18.72 -7.23
CA VAL A 94 -9.38 17.90 -6.96
C VAL A 94 -8.61 18.57 -5.85
N LYS A 95 -8.33 17.83 -4.79
CA LYS A 95 -7.46 18.37 -3.76
C LYS A 95 -6.13 17.66 -3.69
N ARG A 96 -5.04 18.44 -3.73
CA ARG A 96 -3.70 17.88 -3.45
C ARG A 96 -3.59 17.53 -1.97
N ILE A 97 -3.04 16.38 -1.66
CA ILE A 97 -2.86 15.97 -0.29
C ILE A 97 -1.45 16.35 0.04
N SER A 98 -1.29 17.28 0.98
CA SER A 98 0.03 17.74 1.39
C SER A 98 0.82 16.63 2.05
N SER A 99 2.12 16.57 1.76
CA SER A 99 2.94 15.51 2.35
C SER A 99 3.05 15.64 3.87
N ARG A 100 2.92 16.85 4.39
CA ARG A 100 2.90 17.06 5.84
C ARG A 100 1.70 16.34 6.49
N ASN A 101 0.67 16.05 5.67
CA ASN A 101 -0.56 15.32 6.05
C ASN A 101 -0.66 13.83 5.59
N LYS A 102 0.43 13.28 5.08
CA LYS A 102 0.44 11.91 4.60
C LYS A 102 0.05 10.87 5.65
N SER A 103 0.19 11.21 6.94
CA SER A 103 -0.06 10.22 7.99
C SER A 103 -1.54 10.06 8.30
N GLY A 104 -2.35 10.96 7.77
CA GLY A 104 -3.77 10.94 8.05
C GLY A 104 -4.49 9.79 7.39
N PRO A 105 -5.67 9.42 7.92
CA PRO A 105 -6.43 8.32 7.36
C PRO A 105 -7.04 8.62 6.01
N PHE A 106 -7.01 7.61 5.17
CA PHE A 106 -7.64 7.65 3.88
C PHE A 106 -9.08 7.16 4.00
N MSE A 107 -10.00 8.07 3.65
N MSE A 107 -10.05 8.03 3.67
CA MSE A 107 -11.45 7.91 3.71
CA MSE A 107 -11.47 7.68 3.59
C MSE A 107 -11.92 7.04 4.86
C MSE A 107 -12.09 7.10 4.88
O MSE A 107 -12.52 5.99 4.67
O MSE A 107 -13.02 6.28 4.81
CB MSE A 107 -11.97 7.39 2.39
CB MSE A 107 -11.71 6.70 2.42
CG MSE A 107 -11.67 8.33 1.25
CG MSE A 107 -11.42 7.28 1.03
SE MSE A 107 -11.94 7.35 -0.36
SE MSE A 107 -12.46 8.85 0.52
CE MSE A 107 -13.87 7.17 -0.36
CE MSE A 107 -14.19 8.03 0.21
N GLY A 108 -11.60 7.49 6.06
CA GLY A 108 -12.10 6.91 7.31
C GLY A 108 -11.62 5.49 7.62
N SER A 109 -10.62 5.00 6.86
CA SER A 109 -10.13 3.62 7.00
C SER A 109 -8.86 3.57 7.84
N GLU A 110 -8.30 2.38 8.02
CA GLU A 110 -7.09 2.21 8.84
C GLU A 110 -5.85 2.27 7.97
N PHE A 111 -6.04 2.60 6.69
CA PHE A 111 -4.93 2.90 5.78
C PHE A 111 -4.75 4.43 5.80
N ALA A 112 -3.51 4.89 6.01
CA ALA A 112 -3.12 6.27 5.86
C ALA A 112 -2.82 6.58 4.39
N TYR A 113 -2.75 7.88 4.08
CA TYR A 113 -2.42 8.27 2.70
C TYR A 113 -1.04 7.68 2.33
N GLU A 114 -0.13 7.67 3.32
CA GLU A 114 1.24 7.20 3.09
C GLU A 114 1.29 5.70 2.86
N ASP A 115 0.23 4.95 3.22
CA ASP A 115 0.20 3.47 2.99
C ASP A 115 -0.21 3.14 1.58
N LEU A 116 -0.68 4.16 0.84
CA LEU A 116 -1.11 3.95 -0.52
C LEU A 116 -0.06 4.40 -1.54
N SER A 117 1.20 4.51 -1.13
CA SER A 117 2.28 4.55 -2.12
C SER A 117 3.02 3.25 -2.15
N SER A 118 3.81 3.10 -3.20
CA SER A 118 4.49 1.85 -3.42
C SER A 118 5.70 1.80 -2.48
N PHE A 119 6.06 0.57 -2.11
CA PHE A 119 7.28 0.32 -1.37
C PHE A 119 8.53 0.67 -2.22
N GLU A 120 9.38 1.52 -1.69
CA GLU A 120 10.58 1.92 -2.39
C GLU A 120 11.67 1.84 -1.36
N ILE A 121 12.84 1.34 -1.77
CA ILE A 121 13.97 1.11 -0.89
C ILE A 121 14.44 2.47 -0.38
N GLU A 122 14.39 3.50 -1.23
CA GLU A 122 14.93 4.83 -0.88
C GLU A 122 14.17 5.58 0.25
N LYS A 123 13.00 5.07 0.62
CA LYS A 123 12.11 5.68 1.60
C LYS A 123 12.42 5.21 3.02
N TYR A 124 13.31 4.22 3.15
CA TYR A 124 13.58 3.59 4.49
C TYR A 124 15.04 3.29 4.71
N ARG A 125 15.38 3.15 5.99
CA ARG A 125 16.58 2.46 6.46
C ARG A 125 16.18 1.07 6.98
N PHE A 126 16.96 0.06 6.62
CA PHE A 126 16.60 -1.35 6.86
C PHE A 126 17.56 -2.02 7.82
N ASN A 127 17.04 -3.01 8.53
CA ASN A 127 17.80 -3.76 9.54
C ASN A 127 17.20 -5.15 9.71
N HIS A 128 17.97 -6.18 9.41
CA HIS A 128 17.54 -7.54 9.65
C HIS A 128 17.62 -7.83 11.16
N LEU A 129 16.52 -8.32 11.73
CA LEU A 129 16.45 -8.66 13.14
C LEU A 129 16.77 -10.13 13.40
N LYS A 130 16.06 -11.04 12.70
CA LYS A 130 16.17 -12.47 12.95
C LYS A 130 15.30 -13.22 11.94
N ASP A 131 15.44 -14.55 11.95
CA ASP A 131 14.60 -15.44 11.16
C ASP A 131 13.50 -15.95 12.08
N GLU A 132 12.39 -16.35 11.51
CA GLU A 132 11.28 -16.84 12.31
C GLU A 132 10.47 -17.79 11.44
N LYS A 133 9.64 -18.60 12.11
CA LYS A 133 8.62 -19.38 11.43
C LYS A 133 7.30 -18.69 11.73
N PHE A 134 6.57 -18.33 10.68
CA PHE A 134 5.31 -17.63 10.82
C PHE A 134 4.28 -18.24 9.87
N ASN A 135 3.11 -18.58 10.39
CA ASN A 135 2.09 -19.25 9.59
C ASN A 135 2.66 -20.43 8.79
N GLY A 136 3.51 -21.19 9.46
CA GLY A 136 4.23 -22.31 8.85
C GLY A 136 5.13 -22.03 7.67
N GLN A 137 5.55 -20.78 7.49
CA GLN A 137 6.55 -20.48 6.47
C GLN A 137 7.81 -19.97 7.17
N ASP A 138 8.99 -20.32 6.66
CA ASP A 138 10.22 -19.64 7.10
C ASP A 138 10.20 -18.18 6.61
N VAL A 139 10.45 -17.25 7.53
CA VAL A 139 10.44 -15.80 7.21
C VAL A 139 11.70 -15.08 7.70
N PHE A 140 12.05 -13.99 7.02
CA PHE A 140 12.97 -12.99 7.59
C PHE A 140 12.10 -12.03 8.37
N VAL A 141 12.57 -11.63 9.53
CA VAL A 141 11.98 -10.47 10.24
C VAL A 141 12.93 -9.29 10.12
N LEU A 142 12.46 -8.22 9.50
CA LEU A 142 13.27 -7.01 9.41
C LEU A 142 12.54 -5.73 9.71
N GLU A 143 13.32 -4.74 10.10
CA GLU A 143 12.81 -3.43 10.46
C GLU A 143 13.05 -2.45 9.32
N GLN A 144 12.06 -1.59 9.05
CA GLN A 144 12.26 -0.51 8.12
C GLN A 144 11.80 0.79 8.79
N ILE A 145 12.70 1.76 8.78
CA ILE A 145 12.48 3.03 9.43
C ILE A 145 12.33 4.07 8.32
N PRO A 146 11.18 4.79 8.29
CA PRO A 146 10.91 5.79 7.27
C PRO A 146 11.84 6.94 7.47
N THR A 147 12.48 7.36 6.37
CA THR A 147 13.40 8.48 6.41
C THR A 147 12.67 9.82 6.50
N ASP A 148 11.39 9.83 6.13
CA ASP A 148 10.56 11.07 6.13
C ASP A 148 10.00 11.37 7.51
N LYS A 149 10.35 12.52 8.05
CA LYS A 149 9.84 12.94 9.36
C LYS A 149 8.30 13.13 9.38
N ASN A 150 7.68 13.25 8.22
CA ASN A 150 6.22 13.35 8.13
C ASN A 150 5.47 12.01 8.26
N SER A 151 6.18 10.90 8.19
CA SER A 151 5.54 9.62 8.41
C SER A 151 4.86 9.54 9.78
N GLY A 152 3.71 8.87 9.85
CA GLY A 152 3.07 8.57 11.11
C GLY A 152 3.81 7.48 11.89
N TYR A 153 4.83 6.87 11.29
CA TYR A 153 5.51 5.71 11.92
C TYR A 153 6.96 6.00 12.32
N THR A 154 7.35 5.55 13.51
CA THR A 154 8.78 5.46 13.86
C THR A 154 9.45 4.30 13.14
N LYS A 155 8.71 3.22 12.91
CA LYS A 155 9.26 2.03 12.24
C LYS A 155 8.14 1.08 11.85
N GLN A 156 8.44 0.20 10.90
CA GLN A 156 7.61 -0.95 10.62
C GLN A 156 8.48 -2.19 10.78
N VAL A 157 7.87 -3.28 11.23
CA VAL A 157 8.55 -4.60 11.26
C VAL A 157 7.82 -5.51 10.28
N VAL A 158 8.58 -6.08 9.34
CA VAL A 158 8.02 -6.87 8.25
C VAL A 158 8.47 -8.31 8.43
N TRP A 159 7.49 -9.22 8.39
CA TRP A 159 7.75 -10.64 8.26
C TRP A 159 7.69 -10.99 6.78
N LEU A 160 8.82 -11.41 6.23
CA LEU A 160 8.95 -11.53 4.77
C LEU A 160 9.33 -13.00 4.47
N ASP A 161 8.51 -13.68 3.66
CA ASP A 161 8.77 -15.12 3.48
C ASP A 161 10.06 -15.37 2.69
N LYS A 162 10.80 -16.38 3.07
CA LYS A 162 12.10 -16.65 2.45
C LYS A 162 11.99 -17.19 1.06
N ALA A 163 10.86 -17.81 0.73
CA ALA A 163 10.74 -18.49 -0.57
C ALA A 163 10.46 -17.51 -1.69
N HIS A 164 9.57 -16.57 -1.41
CA HIS A 164 9.07 -15.67 -2.44
C HIS A 164 9.29 -14.20 -2.11
N TYR A 165 9.87 -13.94 -0.92
CA TYR A 165 10.12 -12.54 -0.48
C TYR A 165 8.85 -11.66 -0.54
N ARG A 166 7.74 -12.23 -0.12
CA ARG A 166 6.48 -11.52 0.01
C ARG A 166 6.25 -11.14 1.49
N PRO A 167 5.71 -9.93 1.75
CA PRO A 167 5.28 -9.62 3.14
C PRO A 167 4.11 -10.52 3.54
N LEU A 168 4.22 -11.10 4.75
CA LEU A 168 3.14 -11.88 5.33
C LEU A 168 2.43 -11.04 6.38
N LYS A 169 3.20 -10.18 7.07
CA LYS A 169 2.67 -9.32 8.12
C LYS A 169 3.56 -8.10 8.28
N VAL A 170 2.95 -6.94 8.51
CA VAL A 170 3.72 -5.74 8.76
C VAL A 170 3.12 -5.11 10.02
N GLU A 171 3.95 -4.94 11.04
CA GLU A 171 3.53 -4.23 12.25
C GLU A 171 4.03 -2.79 12.16
N PHE A 172 3.16 -1.83 12.46
CA PHE A 172 3.49 -0.40 12.35
C PHE A 172 3.53 0.18 13.75
N TYR A 173 4.56 0.97 14.05
CA TYR A 173 4.71 1.63 15.35
C TYR A 173 4.56 3.12 15.15
N ASP A 174 3.88 3.76 16.10
CA ASP A 174 3.51 5.17 15.95
C ASP A 174 4.65 6.06 16.37
N ARG A 175 4.42 7.37 16.35
CA ARG A 175 5.47 8.34 16.64
C ARG A 175 6.02 8.28 18.06
N LYS A 176 5.23 7.69 18.96
CA LYS A 176 5.63 7.49 20.34
C LYS A 176 6.33 6.17 20.57
N GLY A 177 6.43 5.32 19.56
CA GLY A 177 7.05 4.00 19.73
C GLY A 177 6.12 2.84 20.03
N ALA A 178 4.82 3.09 20.12
CA ALA A 178 3.88 2.06 20.50
C ALA A 178 3.35 1.35 19.29
N LEU A 179 3.13 0.04 19.41
CA LEU A 179 2.50 -0.72 18.36
C LEU A 179 1.15 -0.10 18.01
N LEU A 180 0.98 0.24 16.75
CA LEU A 180 -0.25 0.92 16.33
C LEU A 180 -1.24 0.00 15.64
N LYS A 181 -0.76 -0.70 14.61
CA LYS A 181 -1.64 -1.45 13.70
C LYS A 181 -0.85 -2.55 13.00
N THR A 182 -1.55 -3.58 12.54
CA THR A 182 -0.91 -4.68 11.80
C THR A 182 -1.57 -4.89 10.47
N LEU A 183 -0.77 -5.08 9.40
CA LEU A 183 -1.34 -5.40 8.08
C LEU A 183 -1.02 -6.86 7.80
N THR A 184 -2.02 -7.69 7.57
CA THR A 184 -1.74 -9.07 7.15
C THR A 184 -2.08 -9.30 5.68
N PHE A 185 -1.36 -10.23 5.06
CA PHE A 185 -1.53 -10.55 3.63
C PHE A 185 -1.84 -12.03 3.51
N ALA A 186 -2.89 -12.36 2.76
CA ALA A 186 -3.30 -13.74 2.55
C ALA A 186 -3.83 -13.88 1.13
N ASN A 187 -4.15 -15.12 0.74
CA ASN A 187 -4.63 -15.48 -0.60
C ASN A 187 -3.75 -14.94 -1.71
N TYR A 188 -2.44 -15.12 -1.52
CA TYR A 188 -1.46 -14.74 -2.53
C TYR A 188 -1.66 -15.53 -3.78
N LYS A 189 -1.53 -14.85 -4.93
CA LYS A 189 -1.60 -15.48 -6.23
C LYS A 189 -0.53 -14.89 -7.11
N GLN A 190 0.03 -15.73 -8.00
CA GLN A 190 1.17 -15.36 -8.81
C GLN A 190 0.78 -15.10 -10.28
N TYR A 191 1.31 -14.02 -10.84
CA TYR A 191 0.95 -13.55 -12.16
C TYR A 191 2.19 -13.57 -13.02
N LEU A 192 2.02 -13.99 -14.27
CA LEU A 192 3.11 -14.09 -15.23
C LEU A 192 4.32 -14.83 -14.68
N ASP A 193 4.05 -15.87 -13.88
CA ASP A 193 5.13 -16.70 -13.29
C ASP A 193 6.14 -15.93 -12.43
N LYS A 194 5.81 -14.78 -12.17
CA LYS A 194 6.67 -13.96 -11.39
C LYS A 194 5.95 -13.23 -10.25
N TYR A 195 4.89 -12.43 -10.42
CA TYR A 195 4.40 -11.35 -9.53
C TYR A 195 3.37 -11.84 -8.56
N TRP A 196 3.67 -11.70 -7.27
CA TRP A 196 2.77 -12.16 -6.23
C TRP A 196 1.85 -11.03 -5.75
N ARG A 197 0.55 -11.29 -5.69
CA ARG A 197 -0.39 -10.33 -5.17
C ARG A 197 -1.31 -10.95 -4.18
N ALA A 198 -1.50 -10.25 -3.06
CA ALA A 198 -2.36 -10.76 -2.02
C ALA A 198 -3.81 -10.34 -2.27
N HIS A 199 -4.66 -11.32 -2.50
CA HIS A 199 -6.09 -11.07 -2.70
C HIS A 199 -6.90 -10.76 -1.45
N THR A 200 -6.31 -11.02 -0.28
CA THR A 200 -6.87 -10.57 1.02
C THR A 200 -5.80 -9.76 1.79
N MSE A 201 -6.14 -8.55 2.19
CA MSE A 201 -5.26 -7.77 3.05
C MSE A 201 -6.10 -7.18 4.19
O MSE A 201 -7.14 -6.60 3.91
CB MSE A 201 -4.55 -6.68 2.26
CG MSE A 201 -3.52 -7.20 1.25
SE MSE A 201 -2.83 -5.74 0.19
CE MSE A 201 -2.64 -4.36 1.47
N ALA A 202 -5.67 -7.36 5.44
CA ALA A 202 -6.42 -6.82 6.61
C ALA A 202 -5.55 -5.92 7.49
N MSE A 203 -5.97 -4.66 7.70
CA MSE A 203 -5.26 -3.78 8.59
C MSE A 203 -6.05 -3.72 9.90
O MSE A 203 -7.20 -3.38 9.88
CB MSE A 203 -5.19 -2.37 7.94
CG MSE A 203 -4.48 -1.31 8.74
SE MSE A 203 -2.63 -1.72 8.68
CE MSE A 203 -2.21 -0.86 6.97
N THR A 204 -5.46 -4.09 11.03
CA THR A 204 -6.13 -3.98 12.34
C THR A 204 -5.41 -2.95 13.19
N ASN A 205 -6.16 -1.96 13.63
CA ASN A 205 -5.63 -0.98 14.55
C ASN A 205 -5.79 -1.52 15.99
N HIS A 206 -4.65 -1.72 16.67
CA HIS A 206 -4.66 -2.27 18.03
C HIS A 206 -5.11 -1.30 19.10
N GLN A 207 -4.94 -0.01 18.81
CA GLN A 207 -5.22 1.04 19.79
C GLN A 207 -6.69 1.36 19.74
N THR A 208 -7.29 1.14 18.56
CA THR A 208 -8.65 1.61 18.33
C THR A 208 -9.92 0.69 18.42
N GLY A 209 -9.95 -0.64 18.30
CA GLY A 209 -9.40 -1.49 17.36
C GLY A 209 -10.39 -1.59 16.17
N LYS A 210 -10.43 -0.56 15.35
CA LYS A 210 -11.07 -0.63 14.05
C LYS A 210 -10.21 -1.48 13.07
N SER A 211 -10.83 -1.96 12.00
CA SER A 211 -10.06 -2.63 10.94
C SER A 211 -10.61 -2.29 9.55
N THR A 212 -9.78 -2.49 8.55
CA THR A 212 -10.12 -2.25 7.16
C THR A 212 -9.57 -3.46 6.35
N GLU A 213 -10.42 -4.15 5.60
CA GLU A 213 -9.95 -5.20 4.67
C GLU A 213 -9.99 -4.69 3.24
N LEU A 214 -9.01 -5.14 2.48
CA LEU A 214 -8.94 -4.87 1.04
C LEU A 214 -8.90 -6.22 0.35
N ASN A 215 -9.97 -6.55 -0.36
CA ASN A 215 -10.09 -7.84 -1.06
C ASN A 215 -10.09 -7.61 -2.56
N THR A 216 -9.37 -8.44 -3.31
CA THR A 216 -9.32 -8.33 -4.78
C THR A 216 -10.02 -9.51 -5.40
N SER A 217 -10.97 -9.26 -6.29
CA SER A 217 -11.71 -10.34 -6.95
C SER A 217 -11.14 -10.66 -8.32
N ASP A 218 -10.45 -9.70 -8.93
CA ASP A 218 -9.88 -9.86 -10.27
C ASP A 218 -8.69 -8.95 -10.43
N LEU A 219 -7.65 -9.44 -11.12
CA LEU A 219 -6.44 -8.68 -11.36
C LEU A 219 -6.03 -9.01 -12.78
N ARG A 220 -5.94 -7.99 -13.64
CA ARG A 220 -5.42 -8.16 -14.99
C ARG A 220 -4.08 -7.37 -15.06
N PHE A 221 -3.08 -7.95 -15.73
CA PHE A 221 -1.79 -7.33 -15.94
C PHE A 221 -1.57 -6.95 -17.39
N GLN A 222 -0.83 -5.86 -17.58
CA GLN A 222 -0.36 -5.40 -18.89
C GLN A 222 -1.54 -5.11 -19.84
N THR A 223 -2.44 -4.24 -19.38
CA THR A 223 -3.71 -4.00 -20.03
C THR A 223 -3.57 -2.89 -21.06
N GLY A 224 -2.38 -2.33 -21.17
CA GLY A 224 -2.16 -1.23 -22.11
C GLY A 224 -2.15 0.15 -21.47
N LEU A 225 -2.24 0.22 -20.13
CA LEU A 225 -2.25 1.52 -19.45
C LEU A 225 -0.99 2.27 -19.81
N GLU A 226 -1.07 3.59 -19.84
CA GLU A 226 0.11 4.43 -20.07
C GLU A 226 0.17 5.63 -19.11
N GLU A 227 1.31 6.31 -19.10
CA GLU A 227 1.57 7.46 -18.25
C GLU A 227 0.45 8.53 -18.26
N ASN A 228 -0.12 8.81 -19.42
CA ASN A 228 -1.13 9.87 -19.54
C ASN A 228 -2.45 9.49 -18.89
N ASP A 229 -2.65 8.20 -18.65
CA ASP A 229 -3.85 7.72 -17.93
C ASP A 229 -3.78 8.05 -16.43
N PHE A 230 -2.61 8.50 -15.96
CA PHE A 230 -2.41 8.85 -14.54
C PHE A 230 -2.10 10.34 -14.36
N ASN A 231 -2.32 11.10 -15.43
CA ASN A 231 -2.28 12.55 -15.38
C ASN A 231 -3.33 13.09 -14.41
N LYS A 232 -2.98 14.05 -13.59
CA LYS A 232 -3.98 14.57 -12.62
C LYS A 232 -5.25 15.12 -13.27
N ASN A 233 -5.16 15.53 -14.54
CA ASN A 233 -6.32 16.03 -15.27
C ASN A 233 -7.34 14.93 -15.65
N VAL A 234 -6.94 13.65 -15.47
CA VAL A 234 -7.87 12.53 -15.71
C VAL A 234 -8.93 12.42 -14.62
N LEU A 235 -8.68 13.02 -13.45
CA LEU A 235 -9.56 12.80 -12.31
C LEU A 235 -11.03 13.16 -12.57
N LYS A 236 -11.24 14.28 -13.26
CA LYS A 236 -12.56 14.74 -13.65
C LYS A 236 -13.17 13.97 -14.85
N ARG A 237 -12.52 12.86 -15.23
CA ARG A 237 -13.01 11.86 -16.22
C ARG A 237 -12.62 12.14 -17.66
MG MG B . 18.04 -13.95 10.10
#